data_5CVD
#
_entry.id   5CVD
#
_cell.length_a   114.839
_cell.length_b   66.245
_cell.length_c   68.998
_cell.angle_alpha   90.000
_cell.angle_beta   106.690
_cell.angle_gamma   90.000
#
_symmetry.space_group_name_H-M   'C 1 2 1'
#
loop_
_entity.id
_entity.type
_entity.pdbx_description
1 polymer 'N-terminal Xaa-Pro-Lys N-methyltransferase 1'
2 polymer 'N-teminal peptide from Histone H3-like centromeric protein A'
3 non-polymer S-ADENOSYL-L-HOMOCYSTEINE
4 water water
#
loop_
_entity_poly.entity_id
_entity_poly.type
_entity_poly.pdbx_seq_one_letter_code
_entity_poly.pdbx_strand_id
1 'polypeptide(L)'
;MGSSHHHHHHSSGLVPRGSHMTSEVIEDEKQFYSKAKTYWKQIPPTVDGMLGGYGHISSIDINSSRKFLQRFLREGPNKT
GTSCALDCGAGIGRITKRLLLPLFREVDMVDITEDFLVQAKTYLGEEGKRVRNYFCCGLQDFTPEPDSYDVIWIQWVIGH
LTDQHLAEFLRRCKGSLRPNGIIVIKDNMAQEGVILDDVDSSVCRDLDVVRRIICSAGLSLLAEERQENLPDEIYHVYSF
ALR
;
A,B
2 'polypeptide(L)' (DMG)PRRRSRKP D,E
#
# COMPACT_ATOMS: atom_id res chain seq x y z
N GLY A 13 7.62 -22.49 29.24
CA GLY A 13 8.84 -21.65 29.34
C GLY A 13 8.83 -20.56 28.27
N LEU A 14 9.85 -19.71 28.27
CA LEU A 14 9.87 -18.57 27.36
C LEU A 14 10.53 -18.87 26.02
N VAL A 15 11.29 -19.96 25.91
CA VAL A 15 12.05 -20.19 24.69
C VAL A 15 11.17 -20.78 23.61
N PRO A 16 10.96 -20.03 22.50
CA PRO A 16 10.05 -20.53 21.47
C PRO A 16 10.69 -21.58 20.59
N ARG A 17 9.89 -22.27 19.79
CA ARG A 17 10.38 -23.34 18.94
C ARG A 17 11.41 -22.82 17.94
N GLY A 18 11.28 -21.54 17.60
CA GLY A 18 12.20 -20.89 16.71
C GLY A 18 12.05 -19.38 16.76
N SER A 19 12.97 -18.69 16.12
CA SER A 19 12.95 -17.24 16.08
C SER A 19 12.22 -16.78 14.84
N HIS A 20 11.62 -15.59 14.91
CA HIS A 20 10.95 -15.02 13.74
C HIS A 20 11.22 -13.53 13.52
N MET A 21 12.26 -13.00 14.15
CA MET A 21 12.66 -11.59 13.95
C MET A 21 14.11 -11.42 14.36
N THR A 22 14.77 -10.40 13.82
CA THR A 22 16.20 -10.27 14.06
C THR A 22 16.57 -9.97 15.50
N SER A 23 15.68 -9.34 16.27
CA SER A 23 15.98 -9.03 17.67
C SER A 23 16.11 -10.30 18.50
N GLU A 24 15.66 -11.43 17.97
CA GLU A 24 15.80 -12.71 18.67
C GLU A 24 17.15 -13.36 18.41
N VAL A 25 17.87 -12.95 17.37
CA VAL A 25 19.12 -13.61 17.00
C VAL A 25 20.34 -12.71 16.97
N ILE A 26 20.15 -11.39 16.97
CA ILE A 26 21.26 -10.43 16.98
C ILE A 26 21.52 -9.95 18.40
N GLU A 27 22.65 -10.37 18.95
CA GLU A 27 23.00 -10.04 20.33
C GLU A 27 23.34 -8.57 20.54
N ASP A 28 24.02 -7.99 19.56
CA ASP A 28 24.62 -6.67 19.69
C ASP A 28 24.64 -6.07 18.29
N GLU A 29 23.75 -5.11 18.04
CA GLU A 29 23.60 -4.57 16.69
C GLU A 29 24.90 -3.94 16.17
N LYS A 30 25.59 -3.19 17.03
CA LYS A 30 26.84 -2.55 16.62
C LYS A 30 27.84 -3.59 16.11
N GLN A 31 27.96 -4.69 16.83
CA GLN A 31 28.91 -5.74 16.45
C GLN A 31 28.43 -6.51 15.23
N PHE A 32 27.13 -6.67 15.07
CA PHE A 32 26.54 -7.31 13.89
C PHE A 32 27.01 -6.58 12.64
N TYR A 33 26.94 -5.26 12.66
CA TYR A 33 27.37 -4.46 11.52
C TYR A 33 28.90 -4.42 11.38
N SER A 34 29.63 -4.23 12.49
CA SER A 34 31.08 -4.11 12.35
C SER A 34 31.71 -5.43 11.88
N LYS A 35 31.20 -6.56 12.37
CA LYS A 35 31.72 -7.84 11.93
C LYS A 35 31.43 -8.10 10.45
N ALA A 36 30.25 -7.71 9.98
CA ALA A 36 29.94 -7.87 8.56
C ALA A 36 30.84 -7.01 7.68
N LYS A 37 31.12 -5.79 8.11
CA LYS A 37 31.96 -4.90 7.32
C LYS A 37 33.36 -5.50 7.22
N THR A 38 33.88 -5.99 8.34
CA THR A 38 35.17 -6.64 8.37
C THR A 38 35.21 -7.88 7.47
N TYR A 39 34.14 -8.67 7.51
CA TYR A 39 34.06 -9.87 6.69
C TYR A 39 34.22 -9.51 5.20
N TRP A 40 33.45 -8.52 4.74
CA TRP A 40 33.47 -8.23 3.30
C TRP A 40 34.77 -7.60 2.83
N LYS A 41 35.44 -6.83 3.69
CA LYS A 41 36.74 -6.27 3.36
C LYS A 41 37.76 -7.33 3.01
N GLN A 42 37.53 -8.56 3.47
CA GLN A 42 38.49 -9.65 3.31
C GLN A 42 38.16 -10.59 2.15
N ILE A 43 37.09 -10.31 1.43
CA ILE A 43 36.67 -11.16 0.34
C ILE A 43 37.30 -10.69 -0.98
N PRO A 44 37.77 -11.63 -1.81
CA PRO A 44 38.34 -11.18 -3.09
C PRO A 44 37.31 -10.46 -3.96
N PRO A 45 37.74 -9.42 -4.69
CA PRO A 45 36.81 -8.61 -5.46
C PRO A 45 36.52 -9.23 -6.82
N THR A 46 35.90 -10.41 -6.77
CA THR A 46 35.67 -11.23 -7.95
C THR A 46 34.23 -11.71 -7.93
N VAL A 47 33.75 -12.22 -9.07
CA VAL A 47 32.41 -12.76 -9.13
C VAL A 47 32.24 -13.92 -8.15
N ASP A 48 33.23 -14.80 -8.06
CA ASP A 48 33.12 -15.92 -7.14
C ASP A 48 33.12 -15.43 -5.69
N GLY A 49 33.84 -14.33 -5.42
CA GLY A 49 33.79 -13.68 -4.13
C GLY A 49 32.40 -13.14 -3.81
N MET A 50 31.79 -12.44 -4.76
CA MET A 50 30.45 -11.92 -4.58
C MET A 50 29.47 -13.04 -4.29
N LEU A 51 29.70 -14.21 -4.90
CA LEU A 51 28.72 -15.29 -4.83
C LEU A 51 29.13 -16.42 -3.88
N GLY A 52 30.09 -16.15 -3.00
CA GLY A 52 30.44 -17.10 -1.96
C GLY A 52 30.80 -18.49 -2.47
N GLY A 53 31.55 -18.53 -3.58
CA GLY A 53 31.98 -19.78 -4.18
C GLY A 53 31.05 -20.31 -5.25
N TYR A 54 30.00 -19.56 -5.55
CA TYR A 54 29.01 -19.98 -6.56
C TYR A 54 29.07 -19.14 -7.83
N GLY A 55 30.27 -18.68 -8.19
CA GLY A 55 30.46 -17.93 -9.42
C GLY A 55 29.92 -18.67 -10.63
N HIS A 56 29.96 -19.99 -10.59
CA HIS A 56 29.50 -20.82 -11.69
C HIS A 56 27.97 -20.77 -11.90
N ILE A 57 27.24 -20.15 -10.98
CA ILE A 57 25.78 -20.01 -11.11
C ILE A 57 25.39 -18.60 -11.58
N SER A 58 26.38 -17.72 -11.79
CA SER A 58 26.06 -16.32 -12.07
C SER A 58 25.13 -16.16 -13.27
N SER A 59 25.40 -16.87 -14.36
CA SER A 59 24.56 -16.73 -15.55
C SER A 59 23.13 -17.21 -15.33
N ILE A 60 22.97 -18.30 -14.59
CA ILE A 60 21.64 -18.78 -14.25
C ILE A 60 20.86 -17.70 -13.51
N ASP A 61 21.52 -17.08 -12.54
CA ASP A 61 20.92 -15.99 -11.79
C ASP A 61 20.55 -14.80 -12.69
N ILE A 62 21.52 -14.31 -13.44
CA ILE A 62 21.32 -13.13 -14.27
C ILE A 62 20.22 -13.33 -15.32
N ASN A 63 20.23 -14.48 -15.99
CA ASN A 63 19.25 -14.71 -17.04
C ASN A 63 17.83 -14.77 -16.49
N SER A 64 17.67 -15.34 -15.30
CA SER A 64 16.35 -15.34 -14.66
C SER A 64 15.94 -13.93 -14.24
N SER A 65 16.88 -13.18 -13.67
CA SER A 65 16.59 -11.79 -13.29
C SER A 65 16.15 -10.98 -14.50
N ARG A 66 16.80 -11.18 -15.64
CA ARG A 66 16.48 -10.43 -16.83
C ARG A 66 15.04 -10.69 -17.27
N LYS A 67 14.66 -11.96 -17.27
CA LYS A 67 13.30 -12.34 -17.68
C LYS A 67 12.29 -11.75 -16.70
N PHE A 68 12.61 -11.81 -15.41
CA PHE A 68 11.74 -11.30 -14.36
C PHE A 68 11.52 -9.79 -14.55
N LEU A 69 12.62 -9.07 -14.78
CA LEU A 69 12.57 -7.62 -14.87
C LEU A 69 11.98 -7.10 -16.18
N GLN A 70 12.27 -7.80 -17.28
CA GLN A 70 11.88 -7.32 -18.59
C GLN A 70 10.37 -7.14 -18.72
N ARG A 71 9.61 -7.96 -18.01
CA ARG A 71 8.15 -7.85 -18.06
C ARG A 71 7.68 -6.47 -17.65
N PHE A 72 8.34 -5.90 -16.66
CA PHE A 72 7.97 -4.57 -16.18
C PHE A 72 8.40 -3.47 -17.15
N LEU A 73 9.48 -3.71 -17.87
CA LEU A 73 10.03 -2.72 -18.80
C LEU A 73 9.34 -2.74 -20.16
N ARG A 74 8.79 -3.89 -20.54
CA ARG A 74 8.39 -4.11 -21.92
C ARG A 74 6.89 -4.33 -22.11
N GLU A 75 6.21 -4.70 -21.03
CA GLU A 75 4.81 -5.10 -21.12
C GLU A 75 3.91 -4.19 -20.27
N GLY A 76 2.68 -4.00 -20.73
CA GLY A 76 1.66 -3.29 -19.97
C GLY A 76 1.51 -1.83 -20.37
N PRO A 77 0.42 -1.20 -19.89
CA PRO A 77 0.11 0.21 -20.20
C PRO A 77 0.85 1.21 -19.32
N ASN A 78 1.50 0.72 -18.27
CA ASN A 78 2.22 1.59 -17.34
C ASN A 78 3.62 1.04 -17.10
N LYS A 79 4.40 1.02 -18.18
CA LYS A 79 5.72 0.42 -18.15
C LYS A 79 6.68 1.15 -17.23
N THR A 80 7.54 0.37 -16.59
CA THR A 80 8.65 0.90 -15.84
C THR A 80 9.67 1.49 -16.83
N GLY A 81 10.18 2.67 -16.52
CA GLY A 81 11.15 3.34 -17.38
C GLY A 81 12.52 2.71 -17.37
N THR A 82 13.38 3.22 -18.24
CA THR A 82 14.73 2.67 -18.41
C THR A 82 15.80 3.75 -18.37
N SER A 83 15.48 4.85 -17.69
N SER A 83 15.57 4.82 -17.61
CA SER A 83 16.42 5.95 -17.52
CA SER A 83 16.53 5.92 -17.57
C SER A 83 17.54 5.57 -16.54
C SER A 83 17.53 5.89 -16.40
N CYS A 84 17.18 5.19 -15.32
CA CYS A 84 18.10 5.11 -14.20
CA CYS A 84 18.10 5.13 -14.17
C CYS A 84 17.76 3.96 -13.26
N ALA A 85 18.78 3.21 -12.90
CA ALA A 85 18.63 2.14 -11.93
C ALA A 85 19.65 2.31 -10.82
N LEU A 86 19.32 1.81 -9.63
CA LEU A 86 20.22 1.79 -8.50
C LEU A 86 20.47 0.33 -8.09
N ASP A 87 21.74 -0.05 -8.05
CA ASP A 87 22.15 -1.39 -7.65
C ASP A 87 22.64 -1.34 -6.21
N CYS A 88 21.90 -1.99 -5.30
CA CYS A 88 22.14 -1.90 -3.86
C CYS A 88 22.89 -3.11 -3.32
N GLY A 89 23.94 -2.87 -2.54
CA GLY A 89 24.86 -3.94 -2.19
C GLY A 89 25.52 -4.48 -3.45
N ALA A 90 25.88 -3.56 -4.35
CA ALA A 90 26.29 -3.92 -5.71
C ALA A 90 27.61 -4.67 -5.83
N GLY A 91 28.45 -4.59 -4.80
CA GLY A 91 29.77 -5.18 -4.87
C GLY A 91 30.54 -4.64 -6.06
N ILE A 92 31.21 -5.54 -6.76
CA ILE A 92 32.02 -5.15 -7.91
C ILE A 92 31.21 -4.87 -9.17
N GLY A 93 29.90 -5.06 -9.11
CA GLY A 93 29.04 -4.76 -10.24
C GLY A 93 28.68 -5.95 -11.12
N ARG A 94 28.65 -7.14 -10.55
CA ARG A 94 28.23 -8.33 -11.29
C ARG A 94 26.87 -8.13 -11.96
N ILE A 95 25.92 -7.59 -11.19
CA ILE A 95 24.56 -7.37 -11.67
C ILE A 95 24.50 -6.13 -12.54
N THR A 96 25.22 -5.08 -12.12
CA THR A 96 25.31 -3.87 -12.93
C THR A 96 25.84 -4.17 -14.34
N LYS A 97 26.85 -5.02 -14.45
CA LYS A 97 27.43 -5.32 -15.75
C LYS A 97 26.47 -6.07 -16.67
N ARG A 98 25.88 -7.14 -16.18
CA ARG A 98 25.15 -8.05 -17.06
C ARG A 98 23.64 -7.85 -17.08
N LEU A 99 23.07 -7.31 -16.01
CA LEU A 99 21.63 -7.07 -15.95
C LEU A 99 21.27 -5.62 -16.24
N LEU A 100 21.86 -4.69 -15.49
CA LEU A 100 21.34 -3.33 -15.46
C LEU A 100 21.90 -2.42 -16.56
N LEU A 101 23.22 -2.41 -16.76
CA LEU A 101 23.78 -1.52 -17.78
C LEU A 101 23.21 -1.77 -19.18
N PRO A 102 22.93 -3.03 -19.53
CA PRO A 102 22.34 -3.26 -20.86
C PRO A 102 20.88 -2.80 -21.00
N LEU A 103 20.21 -2.50 -19.89
CA LEU A 103 18.79 -2.17 -19.91
C LEU A 103 18.49 -0.72 -19.55
N PHE A 104 19.40 -0.08 -18.81
CA PHE A 104 19.17 1.26 -18.31
C PHE A 104 20.25 2.20 -18.83
N ARG A 105 19.86 3.42 -19.18
CA ARG A 105 20.83 4.36 -19.74
C ARG A 105 21.90 4.66 -18.72
N GLU A 106 21.49 4.68 -17.46
CA GLU A 106 22.37 5.07 -16.38
C GLU A 106 22.15 4.19 -15.17
N VAL A 107 23.22 3.88 -14.45
CA VAL A 107 23.15 3.08 -13.23
C VAL A 107 23.97 3.75 -12.14
N ASP A 108 23.44 3.75 -10.91
CA ASP A 108 24.20 4.12 -9.72
C ASP A 108 24.43 2.85 -8.92
N MET A 109 25.54 2.79 -8.21
CA MET A 109 25.85 1.64 -7.35
C MET A 109 26.06 2.12 -5.93
N VAL A 110 25.54 1.37 -4.96
CA VAL A 110 25.82 1.64 -3.56
C VAL A 110 26.29 0.36 -2.88
N ASP A 111 27.38 0.48 -2.13
CA ASP A 111 27.93 -0.65 -1.42
C ASP A 111 28.76 -0.15 -0.26
N ILE A 112 28.81 -0.94 0.81
CA ILE A 112 29.56 -0.54 1.99
C ILE A 112 31.08 -0.66 1.79
N THR A 113 31.50 -1.50 0.84
CA THR A 113 32.92 -1.85 0.69
C THR A 113 33.55 -1.05 -0.45
N GLU A 114 34.32 -0.02 -0.11
CA GLU A 114 34.87 0.87 -1.12
C GLU A 114 35.72 0.12 -2.14
N ASP A 115 36.49 -0.87 -1.71
CA ASP A 115 37.36 -1.57 -2.64
C ASP A 115 36.60 -2.31 -3.72
N PHE A 116 35.37 -2.70 -3.44
CA PHE A 116 34.56 -3.34 -4.49
C PHE A 116 34.12 -2.30 -5.52
N LEU A 117 33.77 -1.09 -5.06
CA LEU A 117 33.39 -0.03 -5.97
C LEU A 117 34.58 0.40 -6.81
N VAL A 118 35.77 0.39 -6.21
CA VAL A 118 37.00 0.68 -6.96
C VAL A 118 37.22 -0.39 -8.02
N GLN A 119 37.10 -1.65 -7.64
CA GLN A 119 37.28 -2.74 -8.61
C GLN A 119 36.26 -2.65 -9.73
N ALA A 120 35.04 -2.18 -9.41
CA ALA A 120 33.99 -2.06 -10.41
C ALA A 120 34.43 -1.24 -11.61
N LYS A 121 35.23 -0.20 -11.37
CA LYS A 121 35.66 0.65 -12.46
C LYS A 121 36.45 -0.15 -13.51
N THR A 122 37.22 -1.13 -13.04
CA THR A 122 37.92 -2.06 -13.92
C THR A 122 36.97 -3.11 -14.47
N TYR A 123 36.24 -3.77 -13.58
CA TYR A 123 35.38 -4.90 -13.94
C TYR A 123 34.34 -4.53 -15.00
N LEU A 124 33.79 -3.31 -14.91
CA LEU A 124 32.71 -2.88 -15.80
C LEU A 124 33.18 -2.40 -17.17
N GLY A 125 34.47 -2.11 -17.32
CA GLY A 125 35.01 -1.72 -18.62
C GLY A 125 34.38 -0.47 -19.20
N GLU A 126 34.33 -0.40 -20.53
CA GLU A 126 33.84 0.79 -21.21
C GLU A 126 32.39 1.12 -20.86
N GLU A 127 31.55 0.10 -20.75
CA GLU A 127 30.14 0.32 -20.43
C GLU A 127 29.97 0.92 -19.04
N GLY A 128 30.95 0.70 -18.16
CA GLY A 128 30.97 1.29 -16.84
C GLY A 128 31.02 2.81 -16.84
N LYS A 129 31.33 3.41 -17.97
CA LYS A 129 31.29 4.86 -18.07
C LYS A 129 29.89 5.39 -17.83
N ARG A 130 28.89 4.52 -17.97
CA ARG A 130 27.51 4.88 -17.72
C ARG A 130 27.04 4.60 -16.29
N VAL A 131 27.96 4.15 -15.44
CA VAL A 131 27.72 4.19 -14.01
C VAL A 131 28.04 5.61 -13.58
N ARG A 132 27.05 6.28 -12.98
CA ARG A 132 27.19 7.68 -12.65
C ARG A 132 27.74 7.87 -11.23
N ASN A 133 26.95 7.47 -10.24
CA ASN A 133 27.38 7.57 -8.85
C ASN A 133 27.79 6.22 -8.26
N TYR A 134 28.96 6.22 -7.61
CA TYR A 134 29.41 5.09 -6.79
C TYR A 134 29.32 5.53 -5.32
N PHE A 135 28.25 5.15 -4.64
CA PHE A 135 28.03 5.56 -3.26
C PHE A 135 28.64 4.53 -2.33
N CYS A 136 29.60 4.95 -1.52
CA CYS A 136 30.18 4.07 -0.49
C CYS A 136 29.46 4.35 0.81
N CYS A 137 28.55 3.44 1.18
CA CYS A 137 27.66 3.66 2.30
C CYS A 137 27.00 2.35 2.69
N GLY A 138 26.76 2.16 3.98
CA GLY A 138 25.89 1.08 4.41
C GLY A 138 24.45 1.42 4.06
N LEU A 139 23.66 0.44 3.65
CA LEU A 139 22.29 0.74 3.25
C LEU A 139 21.52 1.36 4.41
N GLN A 140 21.87 0.95 5.63
CA GLN A 140 21.20 1.46 6.83
C GLN A 140 21.39 2.95 7.05
N ASP A 141 22.40 3.53 6.38
CA ASP A 141 22.66 4.98 6.47
C ASP A 141 22.48 5.69 5.13
N PHE A 142 21.90 4.99 4.15
CA PHE A 142 21.79 5.51 2.79
C PHE A 142 20.39 5.99 2.47
N THR A 143 20.29 7.19 1.90
CA THR A 143 19.01 7.70 1.45
C THR A 143 19.08 7.90 -0.06
N PRO A 144 18.44 6.99 -0.83
CA PRO A 144 18.39 7.19 -2.28
C PRO A 144 17.58 8.44 -2.58
N GLU A 145 17.97 9.15 -3.62
CA GLU A 145 17.37 10.45 -3.91
C GLU A 145 15.89 10.31 -4.29
N PRO A 146 15.03 11.17 -3.75
CA PRO A 146 13.62 11.17 -4.17
C PRO A 146 13.46 11.31 -5.69
N ASP A 147 12.49 10.58 -6.25
CA ASP A 147 12.13 10.69 -7.67
C ASP A 147 13.37 10.55 -8.58
N SER A 148 14.07 9.44 -8.42
CA SER A 148 15.39 9.27 -9.03
C SER A 148 15.58 8.01 -9.85
N TYR A 149 14.95 6.91 -9.43
CA TYR A 149 15.23 5.62 -10.05
C TYR A 149 13.99 4.95 -10.59
N ASP A 150 14.11 4.40 -11.79
CA ASP A 150 13.06 3.54 -12.34
C ASP A 150 13.06 2.17 -11.67
N VAL A 151 14.23 1.64 -11.39
CA VAL A 151 14.38 0.35 -10.73
C VAL A 151 15.44 0.46 -9.65
N ILE A 152 15.09 -0.02 -8.46
CA ILE A 152 16.04 -0.17 -7.37
C ILE A 152 16.19 -1.67 -7.13
N TRP A 153 17.39 -2.18 -7.39
CA TRP A 153 17.69 -3.61 -7.36
C TRP A 153 18.48 -3.92 -6.10
N ILE A 154 17.94 -4.78 -5.25
CA ILE A 154 18.54 -5.12 -3.96
C ILE A 154 18.72 -6.62 -3.92
N GLN A 155 19.96 -7.09 -4.09
CA GLN A 155 20.20 -8.53 -4.20
C GLN A 155 21.32 -9.02 -3.30
N TRP A 156 21.02 -10.07 -2.56
CA TRP A 156 21.99 -10.77 -1.72
C TRP A 156 22.66 -9.82 -0.73
N VAL A 157 21.82 -9.01 -0.11
CA VAL A 157 22.29 -8.08 0.92
C VAL A 157 21.26 -7.81 2.04
N ILE A 158 20.00 -8.19 1.89
CA ILE A 158 19.02 -7.80 2.91
C ILE A 158 19.28 -8.47 4.26
N GLY A 159 19.97 -9.59 4.24
CA GLY A 159 20.31 -10.30 5.46
C GLY A 159 21.33 -9.55 6.29
N HIS A 160 21.94 -8.54 5.70
CA HIS A 160 22.89 -7.71 6.45
C HIS A 160 22.27 -6.54 7.19
N LEU A 161 20.96 -6.34 7.04
CA LEU A 161 20.26 -5.28 7.78
CA LEU A 161 20.23 -5.29 7.75
C LEU A 161 19.35 -5.87 8.83
N THR A 162 19.24 -5.18 9.96
CA THR A 162 18.27 -5.54 10.99
C THR A 162 16.86 -5.30 10.43
N ASP A 163 15.86 -5.84 11.11
CA ASP A 163 14.47 -5.64 10.68
C ASP A 163 14.11 -4.15 10.60
N GLN A 164 14.45 -3.38 11.63
CA GLN A 164 14.09 -1.97 11.62
C GLN A 164 14.81 -1.23 10.48
N HIS A 165 16.09 -1.51 10.29
CA HIS A 165 16.84 -0.87 9.21
C HIS A 165 16.33 -1.27 7.84
N LEU A 166 15.99 -2.54 7.66
CA LEU A 166 15.48 -2.98 6.37
C LEU A 166 14.14 -2.31 6.05
N ALA A 167 13.24 -2.26 7.04
CA ALA A 167 11.95 -1.64 6.86
C ALA A 167 12.10 -0.18 6.47
N GLU A 168 12.95 0.53 7.19
CA GLU A 168 13.17 1.95 6.91
C GLU A 168 13.87 2.16 5.59
N PHE A 169 14.85 1.34 5.27
CA PHE A 169 15.53 1.46 3.98
C PHE A 169 14.55 1.29 2.82
N LEU A 170 13.71 0.27 2.89
CA LEU A 170 12.72 0.03 1.85
C LEU A 170 11.75 1.20 1.74
N ARG A 171 11.39 1.80 2.86
CA ARG A 171 10.52 2.98 2.84
C ARG A 171 11.21 4.17 2.15
N ARG A 172 12.49 4.39 2.43
CA ARG A 172 13.23 5.43 1.74
C ARG A 172 13.33 5.13 0.24
N CYS A 173 13.54 3.86 -0.11
CA CYS A 173 13.57 3.47 -1.51
C CYS A 173 12.27 3.80 -2.22
N LYS A 174 11.14 3.55 -1.56
CA LYS A 174 9.84 3.84 -2.15
C LYS A 174 9.75 5.29 -2.58
N GLY A 175 10.23 6.19 -1.72
CA GLY A 175 10.21 7.61 -2.03
C GLY A 175 11.13 7.98 -3.20
N SER A 176 12.06 7.10 -3.53
CA SER A 176 13.08 7.34 -4.56
C SER A 176 12.61 6.94 -5.95
N LEU A 177 11.49 6.22 -6.02
CA LEU A 177 11.03 5.69 -7.29
C LEU A 177 10.41 6.74 -8.18
N ARG A 178 10.73 6.68 -9.45
N ARG A 178 10.73 6.65 -9.45
CA ARG A 178 10.09 7.50 -10.46
CA ARG A 178 10.08 7.43 -10.50
C ARG A 178 8.75 6.84 -10.83
C ARG A 178 8.67 6.88 -10.71
N PRO A 179 7.86 7.57 -11.52
CA PRO A 179 6.54 7.01 -11.84
C PRO A 179 6.66 5.65 -12.54
N ASN A 180 5.85 4.70 -12.08
CA ASN A 180 5.87 3.30 -12.52
C ASN A 180 7.10 2.53 -12.09
N GLY A 181 7.95 3.14 -11.27
CA GLY A 181 9.17 2.49 -10.83
C GLY A 181 8.89 1.32 -9.90
N ILE A 182 9.87 0.43 -9.76
CA ILE A 182 9.78 -0.70 -8.87
C ILE A 182 11.06 -0.92 -8.08
N ILE A 183 10.91 -1.56 -6.94
CA ILE A 183 12.00 -2.10 -6.16
C ILE A 183 11.97 -3.61 -6.38
N VAL A 184 13.14 -4.20 -6.58
CA VAL A 184 13.25 -5.65 -6.62
C VAL A 184 14.17 -6.10 -5.50
N ILE A 185 13.67 -7.02 -4.67
CA ILE A 185 14.50 -7.74 -3.71
C ILE A 185 14.72 -9.14 -4.26
N LYS A 186 15.97 -9.57 -4.39
CA LYS A 186 16.29 -10.94 -4.77
C LYS A 186 17.27 -11.47 -3.74
N ASP A 187 16.86 -12.48 -2.99
CA ASP A 187 17.67 -12.88 -1.85
C ASP A 187 17.35 -14.27 -1.34
N ASN A 188 18.21 -14.74 -0.43
CA ASN A 188 18.04 -16.00 0.24
C ASN A 188 16.86 -15.93 1.17
N MET A 189 16.07 -17.01 1.19
CA MET A 189 14.92 -17.15 2.07
C MET A 189 15.04 -18.45 2.84
N ALA A 190 14.83 -18.37 4.14
CA ALA A 190 14.86 -19.55 5.00
C ALA A 190 13.55 -20.31 4.87
N GLN A 191 13.58 -21.60 5.11
CA GLN A 191 12.37 -22.39 5.11
C GLN A 191 11.43 -21.93 6.23
N GLU A 192 12.00 -21.66 7.40
CA GLU A 192 11.20 -21.25 8.55
C GLU A 192 12.04 -20.43 9.51
N GLY A 193 11.48 -19.33 9.97
CA GLY A 193 12.10 -18.50 10.99
C GLY A 193 13.16 -17.57 10.49
N VAL A 194 14.06 -17.19 11.39
CA VAL A 194 15.18 -16.30 11.10
C VAL A 194 16.44 -16.95 11.64
N ILE A 195 17.39 -17.16 10.75
CA ILE A 195 18.62 -17.91 11.03
C ILE A 195 19.83 -16.97 10.98
N LEU A 196 20.65 -17.01 12.02
CA LEU A 196 21.88 -16.21 12.06
C LEU A 196 23.05 -16.97 11.45
N ASP A 197 23.77 -16.30 10.55
CA ASP A 197 25.08 -16.73 10.09
C ASP A 197 26.12 -15.88 10.83
N ASP A 198 26.79 -16.50 11.80
CA ASP A 198 27.71 -15.77 12.65
C ASP A 198 29.12 -15.69 12.05
N VAL A 199 29.29 -16.24 10.84
CA VAL A 199 30.56 -16.11 10.14
C VAL A 199 30.60 -14.81 9.33
N ASP A 200 29.58 -14.58 8.49
CA ASP A 200 29.55 -13.34 7.72
C ASP A 200 28.70 -12.26 8.40
N SER A 201 28.09 -12.61 9.53
CA SER A 201 27.28 -11.67 10.29
C SER A 201 26.08 -11.17 9.49
N SER A 202 25.19 -12.10 9.19
CA SER A 202 23.97 -11.83 8.44
C SER A 202 22.88 -12.76 8.94
N VAL A 203 21.65 -12.48 8.53
CA VAL A 203 20.53 -13.35 8.82
C VAL A 203 19.87 -13.81 7.52
N CYS A 204 19.11 -14.89 7.64
CA CYS A 204 18.28 -15.38 6.57
C CYS A 204 16.89 -15.55 7.13
N ARG A 205 15.91 -14.91 6.49
CA ARG A 205 14.53 -14.83 6.98
C ARG A 205 13.59 -15.63 6.10
N ASP A 206 12.54 -16.18 6.68
CA ASP A 206 11.56 -16.90 5.89
C ASP A 206 10.63 -15.95 5.13
N LEU A 207 9.82 -16.50 4.24
CA LEU A 207 8.96 -15.70 3.39
C LEU A 207 8.00 -14.83 4.18
N ASP A 208 7.46 -15.35 5.28
CA ASP A 208 6.50 -14.58 6.05
C ASP A 208 7.15 -13.35 6.68
N VAL A 209 8.36 -13.52 7.21
CA VAL A 209 9.06 -12.41 7.84
C VAL A 209 9.33 -11.32 6.81
N VAL A 210 9.80 -11.73 5.62
CA VAL A 210 10.10 -10.76 4.57
C VAL A 210 8.82 -10.04 4.12
N ARG A 211 7.73 -10.77 3.99
CA ARG A 211 6.45 -10.17 3.63
C ARG A 211 6.03 -9.13 4.67
N ARG A 212 6.22 -9.44 5.95
CA ARG A 212 5.87 -8.49 7.00
C ARG A 212 6.68 -7.22 6.89
N ILE A 213 7.97 -7.36 6.59
CA ILE A 213 8.85 -6.19 6.50
C ILE A 213 8.46 -5.34 5.27
N ILE A 214 8.18 -6.00 4.16
CA ILE A 214 7.73 -5.30 2.95
C ILE A 214 6.48 -4.48 3.24
N CYS A 215 5.51 -5.11 3.91
CA CYS A 215 4.28 -4.42 4.27
CA CYS A 215 4.27 -4.41 4.29
C CYS A 215 4.57 -3.21 5.17
N SER A 216 5.47 -3.39 6.13
CA SER A 216 5.74 -2.32 7.08
CA SER A 216 5.84 -2.36 7.09
C SER A 216 6.39 -1.11 6.41
N ALA A 217 7.01 -1.32 5.26
CA ALA A 217 7.63 -0.24 4.51
C ALA A 217 6.63 0.50 3.62
N GLY A 218 5.38 0.05 3.63
CA GLY A 218 4.35 0.65 2.81
C GLY A 218 4.37 0.22 1.35
N LEU A 219 4.99 -0.92 1.08
CA LEU A 219 5.13 -1.43 -0.28
C LEU A 219 4.08 -2.49 -0.60
N SER A 220 3.73 -2.56 -1.88
CA SER A 220 2.78 -3.51 -2.44
C SER A 220 3.52 -4.54 -3.28
N LEU A 221 3.08 -5.79 -3.23
CA LEU A 221 3.70 -6.88 -3.98
C LEU A 221 3.18 -6.95 -5.41
N LEU A 222 4.08 -6.90 -6.39
CA LEU A 222 3.72 -6.97 -7.81
C LEU A 222 4.03 -8.34 -8.40
N ALA A 223 5.06 -8.99 -7.88
CA ALA A 223 5.42 -10.31 -8.35
C ALA A 223 6.31 -10.98 -7.32
N GLU A 224 6.24 -12.30 -7.26
CA GLU A 224 7.04 -13.09 -6.35
C GLU A 224 7.40 -14.40 -7.03
N GLU A 225 8.69 -14.69 -7.15
CA GLU A 225 9.16 -15.80 -7.96
C GLU A 225 10.36 -16.49 -7.33
N ARG A 226 10.24 -17.80 -7.13
CA ARG A 226 11.37 -18.59 -6.65
C ARG A 226 12.30 -18.95 -7.81
N GLN A 227 13.59 -18.66 -7.63
CA GLN A 227 14.62 -18.93 -8.61
C GLN A 227 14.80 -20.41 -8.80
N GLU A 228 14.73 -20.82 -10.05
CA GLU A 228 14.91 -22.20 -10.43
C GLU A 228 16.36 -22.56 -10.68
N ASN A 229 16.61 -23.85 -10.79
CA ASN A 229 17.87 -24.37 -11.31
C ASN A 229 19.09 -24.02 -10.50
N LEU A 230 18.89 -23.76 -9.21
CA LEU A 230 20.02 -23.47 -8.34
C LEU A 230 20.55 -24.74 -7.67
N PRO A 231 21.82 -24.68 -7.24
CA PRO A 231 22.43 -25.73 -6.42
C PRO A 231 21.49 -26.28 -5.36
N ASP A 232 21.45 -27.60 -5.26
CA ASP A 232 20.52 -28.27 -4.38
C ASP A 232 20.74 -27.96 -2.91
N GLU A 233 21.98 -27.64 -2.54
CA GLU A 233 22.35 -27.51 -1.13
C GLU A 233 22.12 -26.12 -0.54
N ILE A 234 21.78 -25.13 -1.37
CA ILE A 234 21.68 -23.74 -0.89
C ILE A 234 20.27 -23.32 -0.49
N TYR A 235 20.17 -22.24 0.26
CA TYR A 235 18.86 -21.65 0.57
C TYR A 235 18.13 -21.33 -0.72
N HIS A 236 16.81 -21.46 -0.69
CA HIS A 236 15.99 -21.00 -1.79
C HIS A 236 16.18 -19.51 -1.97
N VAL A 237 16.00 -19.05 -3.20
CA VAL A 237 16.18 -17.66 -3.57
C VAL A 237 14.89 -17.18 -4.20
N TYR A 238 14.39 -16.04 -3.74
CA TYR A 238 13.16 -15.45 -4.25
C TYR A 238 13.40 -14.04 -4.74
N SER A 239 12.64 -13.65 -5.76
CA SER A 239 12.58 -12.30 -6.26
C SER A 239 11.21 -11.72 -5.96
N PHE A 240 11.19 -10.51 -5.41
CA PHE A 240 9.97 -9.77 -5.14
C PHE A 240 10.04 -8.45 -5.90
N ALA A 241 9.02 -8.15 -6.70
CA ALA A 241 8.89 -6.83 -7.32
C ALA A 241 7.85 -6.06 -6.52
N LEU A 242 8.19 -4.80 -6.18
CA LEU A 242 7.46 -4.02 -5.19
C LEU A 242 7.29 -2.57 -5.65
N ARG A 243 6.22 -1.92 -5.22
CA ARG A 243 6.21 -0.46 -5.30
C ARG A 243 5.23 0.12 -4.30
N GLY B 18 -40.25 8.66 18.14
CA GLY B 18 -39.72 9.76 17.29
C GLY B 18 -38.34 10.19 17.76
N SER B 19 -37.34 9.35 17.49
CA SER B 19 -36.00 9.56 18.02
C SER B 19 -35.28 10.73 17.36
N HIS B 20 -34.48 11.43 18.16
CA HIS B 20 -33.68 12.55 17.70
C HIS B 20 -32.24 12.15 17.53
N MET B 21 -31.85 11.05 18.17
CA MET B 21 -30.43 10.77 18.34
C MET B 21 -30.12 9.32 18.59
N THR B 22 -28.88 8.95 18.30
CA THR B 22 -28.49 7.55 18.40
C THR B 22 -28.53 7.03 19.84
N SER B 23 -28.38 7.90 20.83
CA SER B 23 -28.42 7.42 22.21
C SER B 23 -29.81 6.95 22.61
N GLU B 24 -30.83 7.28 21.80
CA GLU B 24 -32.17 6.78 22.04
C GLU B 24 -32.37 5.33 21.58
N VAL B 25 -31.43 4.81 20.79
CA VAL B 25 -31.58 3.45 20.25
C VAL B 25 -30.36 2.54 20.46
N ILE B 26 -29.19 3.12 20.71
CA ILE B 26 -27.99 2.33 20.99
C ILE B 26 -27.81 2.15 22.49
N GLU B 27 -28.02 0.94 22.98
CA GLU B 27 -27.93 0.69 24.42
C GLU B 27 -26.50 0.61 24.95
N ASP B 28 -25.57 0.18 24.10
CA ASP B 28 -24.19 -0.11 24.50
C ASP B 28 -23.31 0.19 23.29
N GLU B 29 -22.61 1.32 23.32
CA GLU B 29 -21.82 1.74 22.17
C GLU B 29 -20.75 0.71 21.81
N LYS B 30 -20.08 0.16 22.80
CA LYS B 30 -19.02 -0.81 22.52
C LYS B 30 -19.56 -1.99 21.72
N GLN B 31 -20.74 -2.50 22.10
CA GLN B 31 -21.35 -3.62 21.41
C GLN B 31 -21.87 -3.22 20.03
N PHE B 32 -22.34 -2.00 19.91
CA PHE B 32 -22.79 -1.48 18.62
C PHE B 32 -21.66 -1.58 17.60
N TYR B 33 -20.46 -1.18 18.00
CA TYR B 33 -19.30 -1.26 17.11
C TYR B 33 -18.80 -2.68 16.92
N SER B 34 -18.73 -3.46 17.99
CA SER B 34 -18.15 -4.79 17.86
C SER B 34 -19.04 -5.70 17.01
N LYS B 35 -20.35 -5.57 17.15
CA LYS B 35 -21.29 -6.37 16.39
CA LYS B 35 -21.29 -6.38 16.38
C LYS B 35 -21.21 -6.04 14.90
N ALA B 36 -21.04 -4.76 14.58
CA ALA B 36 -20.92 -4.36 13.18
C ALA B 36 -19.65 -4.91 12.55
N LYS B 37 -18.56 -4.90 13.30
CA LYS B 37 -17.30 -5.41 12.80
C LYS B 37 -17.44 -6.91 12.49
N THR B 38 -18.06 -7.63 13.41
CA THR B 38 -18.29 -9.05 13.22
C THR B 38 -19.17 -9.32 12.00
N TYR B 39 -20.22 -8.53 11.84
CA TYR B 39 -21.12 -8.68 10.70
C TYR B 39 -20.35 -8.57 9.38
N TRP B 40 -19.56 -7.52 9.22
CA TRP B 40 -18.92 -7.28 7.93
C TRP B 40 -17.82 -8.31 7.67
N LYS B 41 -17.20 -8.82 8.72
CA LYS B 41 -16.18 -9.84 8.54
C LYS B 41 -16.72 -11.13 7.89
N GLN B 42 -18.03 -11.37 7.99
CA GLN B 42 -18.63 -12.58 7.40
C GLN B 42 -19.47 -12.29 6.14
N ILE B 43 -19.31 -11.10 5.58
CA ILE B 43 -19.94 -10.76 4.30
C ILE B 43 -18.96 -11.02 3.16
N PRO B 44 -19.42 -11.63 2.08
CA PRO B 44 -18.48 -11.91 0.98
C PRO B 44 -17.92 -10.64 0.35
N PRO B 45 -16.65 -10.68 -0.10
CA PRO B 45 -15.98 -9.51 -0.65
C PRO B 45 -16.37 -9.28 -2.11
N THR B 46 -17.65 -8.96 -2.32
CA THR B 46 -18.24 -8.84 -3.64
C THR B 46 -19.12 -7.61 -3.71
N VAL B 47 -19.41 -7.16 -4.92
CA VAL B 47 -20.32 -6.05 -5.11
C VAL B 47 -21.67 -6.33 -4.45
N ASP B 48 -22.17 -7.56 -4.59
CA ASP B 48 -23.45 -7.90 -4.00
C ASP B 48 -23.39 -7.83 -2.48
N GLY B 49 -22.24 -8.19 -1.91
CA GLY B 49 -22.02 -8.07 -0.47
C GLY B 49 -22.02 -6.62 -0.02
N MET B 50 -21.35 -5.74 -0.78
CA MET B 50 -21.34 -4.32 -0.47
C MET B 50 -22.76 -3.75 -0.51
N LEU B 51 -23.58 -4.30 -1.39
CA LEU B 51 -24.92 -3.76 -1.64
C LEU B 51 -26.05 -4.56 -1.00
N GLY B 52 -25.72 -5.42 -0.03
CA GLY B 52 -26.74 -6.08 0.75
C GLY B 52 -27.71 -6.91 -0.06
N GLY B 53 -27.22 -7.56 -1.10
CA GLY B 53 -28.05 -8.40 -1.94
C GLY B 53 -28.72 -7.64 -3.07
N TYR B 54 -28.35 -6.38 -3.25
CA TYR B 54 -28.86 -5.55 -4.35
C TYR B 54 -27.72 -5.21 -5.33
N GLY B 55 -26.83 -6.16 -5.58
CA GLY B 55 -25.70 -5.92 -6.48
C GLY B 55 -26.10 -5.38 -7.84
N HIS B 56 -27.27 -5.78 -8.32
CA HIS B 56 -27.74 -5.36 -9.64
C HIS B 56 -28.08 -3.88 -9.77
N ILE B 57 -28.15 -3.15 -8.65
CA ILE B 57 -28.44 -1.72 -8.75
C ILE B 57 -27.18 -0.86 -8.74
N SER B 58 -26.00 -1.47 -8.78
CA SER B 58 -24.76 -0.71 -8.70
C SER B 58 -24.64 0.37 -9.79
N SER B 59 -24.93 0.03 -11.03
CA SER B 59 -24.81 0.99 -12.12
CA SER B 59 -24.81 0.98 -12.13
C SER B 59 -25.75 2.18 -11.97
N ILE B 60 -26.98 1.93 -11.52
CA ILE B 60 -27.93 3.02 -11.28
C ILE B 60 -27.34 4.01 -10.28
N ASP B 61 -26.79 3.47 -9.19
CA ASP B 61 -26.15 4.27 -8.18
C ASP B 61 -24.96 5.06 -8.74
N ILE B 62 -24.04 4.36 -9.38
CA ILE B 62 -22.81 4.97 -9.86
C ILE B 62 -23.07 6.06 -10.89
N ASN B 63 -23.97 5.79 -11.83
CA ASN B 63 -24.22 6.76 -12.88
C ASN B 63 -24.83 8.04 -12.31
N SER B 64 -25.68 7.90 -11.30
CA SER B 64 -26.24 9.09 -10.64
C SER B 64 -25.16 9.85 -9.87
N SER B 65 -24.30 9.13 -9.18
CA SER B 65 -23.21 9.77 -8.45
C SER B 65 -22.31 10.57 -9.38
N ARG B 66 -22.00 10.00 -10.54
CA ARG B 66 -21.14 10.70 -11.48
CA ARG B 66 -21.17 10.68 -11.54
C ARG B 66 -21.79 12.01 -11.93
N LYS B 67 -23.09 11.99 -12.19
CA LYS B 67 -23.80 13.18 -12.62
C LYS B 67 -23.86 14.22 -11.50
N PHE B 68 -23.99 13.75 -10.26
CA PHE B 68 -24.07 14.64 -9.10
C PHE B 68 -22.78 15.41 -8.91
N LEU B 69 -21.66 14.73 -9.16
CA LEU B 69 -20.35 15.32 -8.96
C LEU B 69 -20.01 16.33 -10.08
N GLN B 70 -20.66 16.20 -11.24
CA GLN B 70 -20.39 17.02 -12.44
C GLN B 70 -20.29 18.52 -12.18
N ARG B 71 -21.31 19.09 -11.52
CA ARG B 71 -21.39 20.54 -11.38
C ARG B 71 -20.15 21.07 -10.65
N PHE B 72 -19.60 20.28 -9.73
CA PHE B 72 -18.51 20.75 -8.89
C PHE B 72 -17.16 20.77 -9.59
N LEU B 73 -17.00 19.99 -10.65
CA LEU B 73 -15.72 19.84 -11.33
C LEU B 73 -15.54 20.80 -12.51
N ARG B 74 -16.58 21.56 -12.85
CA ARG B 74 -16.52 22.49 -13.96
C ARG B 74 -15.58 23.67 -13.66
N GLU B 75 -14.96 24.21 -14.69
CA GLU B 75 -14.14 25.41 -14.55
C GLU B 75 -14.98 26.55 -13.99
N GLY B 76 -14.39 27.33 -13.09
CA GLY B 76 -15.08 28.45 -12.50
C GLY B 76 -14.47 28.83 -11.17
N PRO B 77 -15.07 29.81 -10.49
CA PRO B 77 -14.50 30.38 -9.27
C PRO B 77 -14.33 29.36 -8.14
N ASN B 78 -15.14 28.31 -8.16
CA ASN B 78 -15.19 27.34 -7.06
C ASN B 78 -14.82 25.93 -7.47
N LYS B 79 -14.19 25.77 -8.63
CA LYS B 79 -13.87 24.44 -9.16
C LYS B 79 -13.18 23.55 -8.14
N THR B 80 -13.76 22.37 -7.93
CA THR B 80 -13.15 21.32 -7.12
C THR B 80 -12.08 20.63 -7.97
N GLY B 81 -10.92 20.38 -7.36
CA GLY B 81 -9.81 19.76 -8.05
C GLY B 81 -10.02 18.28 -8.31
N THR B 82 -9.10 17.70 -9.07
CA THR B 82 -9.18 16.30 -9.44
C THR B 82 -7.87 15.56 -9.16
N SER B 83 -7.11 16.03 -8.17
CA SER B 83 -5.85 15.40 -7.80
C SER B 83 -6.02 14.18 -6.90
N CYS B 84 -6.94 14.25 -5.93
CA CYS B 84 -7.04 13.18 -4.94
C CYS B 84 -8.41 13.08 -4.30
N ALA B 85 -8.89 11.85 -4.15
CA ALA B 85 -10.14 11.60 -3.45
C ALA B 85 -9.93 10.57 -2.35
N LEU B 86 -10.79 10.63 -1.34
CA LEU B 86 -10.83 9.64 -0.26
C LEU B 86 -12.18 8.94 -0.29
N ASP B 87 -12.16 7.61 -0.34
CA ASP B 87 -13.35 6.79 -0.34
C ASP B 87 -13.50 6.17 1.05
N CYS B 88 -14.53 6.60 1.78
CA CYS B 88 -14.73 6.21 3.18
C CYS B 88 -15.75 5.09 3.33
N GLY B 89 -15.42 4.06 4.10
CA GLY B 89 -16.20 2.83 4.11
C GLY B 89 -16.20 2.23 2.72
N ALA B 90 -15.02 2.24 2.09
CA ALA B 90 -14.87 1.93 0.66
C ALA B 90 -15.15 0.47 0.32
N GLY B 91 -15.07 -0.43 1.30
CA GLY B 91 -15.25 -1.84 1.01
C GLY B 91 -14.22 -2.32 0.00
N ILE B 92 -14.67 -3.12 -0.96
CA ILE B 92 -13.79 -3.66 -2.00
C ILE B 92 -13.45 -2.63 -3.08
N GLY B 93 -14.03 -1.44 -3.01
CA GLY B 93 -13.75 -0.41 -4.00
C GLY B 93 -14.72 -0.34 -5.16
N ARG B 94 -15.98 -0.67 -4.91
CA ARG B 94 -17.02 -0.55 -5.94
C ARG B 94 -17.09 0.87 -6.49
N ILE B 95 -17.03 1.86 -5.60
CA ILE B 95 -17.14 3.26 -5.97
C ILE B 95 -15.78 3.76 -6.47
N THR B 96 -14.73 3.34 -5.82
CA THR B 96 -13.38 3.71 -6.25
C THR B 96 -13.16 3.29 -7.70
N LYS B 97 -13.62 2.10 -8.06
CA LYS B 97 -13.41 1.60 -9.42
C LYS B 97 -14.10 2.45 -10.48
N ARG B 98 -15.40 2.68 -10.31
CA ARG B 98 -16.22 3.23 -11.38
C ARG B 98 -16.50 4.72 -11.29
N LEU B 99 -16.43 5.28 -10.09
CA LEU B 99 -16.66 6.72 -9.92
C LEU B 99 -15.35 7.49 -9.75
N LEU B 100 -14.53 7.10 -8.79
CA LEU B 100 -13.42 7.96 -8.36
C LEU B 100 -12.13 7.81 -9.19
N LEU B 101 -11.66 6.58 -9.42
CA LEU B 101 -10.42 6.42 -10.20
C LEU B 101 -10.48 7.06 -11.59
N PRO B 102 -11.64 6.99 -12.27
CA PRO B 102 -11.71 7.64 -13.58
C PRO B 102 -11.64 9.17 -13.55
N LEU B 103 -11.91 9.78 -12.39
CA LEU B 103 -11.97 11.23 -12.27
C LEU B 103 -10.80 11.85 -11.51
N PHE B 104 -10.17 11.08 -10.62
CA PHE B 104 -9.13 11.61 -9.74
C PHE B 104 -7.80 10.90 -9.99
N ARG B 105 -6.72 11.68 -9.97
CA ARG B 105 -5.41 11.12 -10.28
C ARG B 105 -4.98 10.04 -9.28
N GLU B 106 -5.28 10.27 -8.00
CA GLU B 106 -5.02 9.29 -6.96
C GLU B 106 -6.24 9.16 -6.06
N VAL B 107 -6.39 7.99 -5.45
CA VAL B 107 -7.47 7.75 -4.49
C VAL B 107 -6.91 7.04 -3.26
N ASP B 108 -7.37 7.44 -2.07
CA ASP B 108 -7.13 6.68 -0.85
C ASP B 108 -8.44 6.01 -0.46
N MET B 109 -8.33 4.82 0.14
CA MET B 109 -9.50 4.08 0.60
C MET B 109 -9.35 3.85 2.08
N VAL B 110 -10.44 3.98 2.83
CA VAL B 110 -10.45 3.62 4.24
C VAL B 110 -11.65 2.73 4.53
N ASP B 111 -11.42 1.64 5.23
CA ASP B 111 -12.48 0.71 5.59
C ASP B 111 -12.05 -0.08 6.82
N ILE B 112 -13.02 -0.50 7.63
CA ILE B 112 -12.72 -1.25 8.84
C ILE B 112 -12.39 -2.73 8.57
N THR B 113 -12.82 -3.26 7.44
CA THR B 113 -12.72 -4.70 7.16
C THR B 113 -11.53 -5.02 6.27
N GLU B 114 -10.50 -5.61 6.87
CA GLU B 114 -9.24 -5.85 6.19
C GLU B 114 -9.41 -6.66 4.90
N ASP B 115 -10.23 -7.70 4.93
CA ASP B 115 -10.41 -8.57 3.77
C ASP B 115 -10.96 -7.83 2.56
N PHE B 116 -11.74 -6.79 2.79
CA PHE B 116 -12.30 -6.02 1.68
C PHE B 116 -11.19 -5.22 1.01
N LEU B 117 -10.31 -4.65 1.80
CA LEU B 117 -9.18 -3.91 1.25
C LEU B 117 -8.20 -4.83 0.51
N VAL B 118 -8.03 -6.05 1.02
CA VAL B 118 -7.21 -7.04 0.33
C VAL B 118 -7.84 -7.37 -1.02
N GLN B 119 -9.14 -7.62 -1.04
CA GLN B 119 -9.82 -7.92 -2.28
C GLN B 119 -9.80 -6.74 -3.27
N ALA B 120 -9.81 -5.52 -2.75
CA ALA B 120 -9.77 -4.34 -3.60
C ALA B 120 -8.56 -4.35 -4.56
N LYS B 121 -7.43 -4.87 -4.09
CA LYS B 121 -6.23 -4.87 -4.92
C LYS B 121 -6.47 -5.54 -6.28
N THR B 122 -7.15 -6.68 -6.30
CA THR B 122 -7.40 -7.38 -7.55
C THR B 122 -8.69 -6.93 -8.19
N TYR B 123 -9.69 -6.57 -7.38
CA TYR B 123 -10.94 -6.06 -7.93
C TYR B 123 -10.67 -4.83 -8.79
N LEU B 124 -9.78 -3.96 -8.31
CA LEU B 124 -9.46 -2.71 -9.01
C LEU B 124 -8.47 -2.86 -10.17
N GLY B 125 -7.75 -3.98 -10.21
CA GLY B 125 -6.83 -4.26 -11.29
C GLY B 125 -5.84 -3.15 -11.59
N GLU B 126 -5.58 -2.94 -12.87
CA GLU B 126 -4.55 -2.00 -13.33
C GLU B 126 -4.77 -0.58 -12.80
N GLU B 127 -6.01 -0.11 -12.90
CA GLU B 127 -6.32 1.24 -12.47
C GLU B 127 -6.10 1.39 -10.97
N GLY B 128 -6.22 0.30 -10.23
CA GLY B 128 -6.03 0.30 -8.80
C GLY B 128 -4.60 0.63 -8.38
N LYS B 129 -3.67 0.62 -9.32
CA LYS B 129 -2.31 1.07 -9.02
C LYS B 129 -2.28 2.53 -8.57
N ARG B 130 -3.34 3.28 -8.90
CA ARG B 130 -3.42 4.69 -8.53
C ARG B 130 -4.12 4.88 -7.17
N VAL B 131 -4.47 3.79 -6.50
CA VAL B 131 -4.84 3.88 -5.10
C VAL B 131 -3.55 4.04 -4.30
N ARG B 132 -3.44 5.14 -3.57
CA ARG B 132 -2.20 5.49 -2.90
C ARG B 132 -2.10 4.81 -1.52
N ASN B 133 -3.16 4.91 -0.73
CA ASN B 133 -3.21 4.28 0.58
C ASN B 133 -4.48 3.46 0.76
N TYR B 134 -4.33 2.27 1.34
CA TYR B 134 -5.43 1.45 1.81
C TYR B 134 -5.42 1.45 3.33
N PHE B 135 -6.21 2.32 3.95
CA PHE B 135 -6.24 2.44 5.41
C PHE B 135 -7.25 1.49 6.02
N CYS B 136 -6.80 0.56 6.86
CA CYS B 136 -7.72 -0.29 7.59
C CYS B 136 -7.94 0.28 8.97
N CYS B 137 -9.10 0.92 9.14
CA CYS B 137 -9.40 1.72 10.31
C CYS B 137 -10.90 1.97 10.35
N GLY B 138 -11.48 2.02 11.54
CA GLY B 138 -12.83 2.52 11.68
C GLY B 138 -12.81 4.02 11.47
N LEU B 139 -13.85 4.57 10.84
CA LEU B 139 -13.90 6.01 10.61
C LEU B 139 -13.81 6.75 11.93
N GLN B 140 -14.37 6.17 12.98
CA GLN B 140 -14.39 6.82 14.29
C GLN B 140 -12.98 6.97 14.89
N ASP B 141 -12.01 6.25 14.32
CA ASP B 141 -10.63 6.32 14.78
C ASP B 141 -9.69 6.89 13.71
N PHE B 142 -10.25 7.37 12.61
CA PHE B 142 -9.47 7.78 11.45
C PHE B 142 -9.36 9.30 11.35
N THR B 143 -8.14 9.78 11.16
CA THR B 143 -7.87 11.19 10.93
C THR B 143 -7.27 11.38 9.56
N PRO B 144 -8.05 11.89 8.60
CA PRO B 144 -7.46 12.17 7.29
C PRO B 144 -6.48 13.34 7.41
N GLU B 145 -5.40 13.29 6.63
N GLU B 145 -5.41 13.30 6.62
CA GLU B 145 -4.34 14.29 6.73
CA GLU B 145 -4.33 14.29 6.71
C GLU B 145 -4.79 15.65 6.20
C GLU B 145 -4.79 15.65 6.19
N PRO B 146 -4.41 16.74 6.87
CA PRO B 146 -4.75 18.07 6.35
C PRO B 146 -4.33 18.31 4.89
N ASP B 147 -5.14 19.09 4.18
CA ASP B 147 -4.81 19.55 2.83
C ASP B 147 -4.53 18.40 1.86
N SER B 148 -5.37 17.36 1.93
CA SER B 148 -5.10 16.14 1.16
C SER B 148 -6.08 15.82 0.04
N TYR B 149 -7.35 16.15 0.23
CA TYR B 149 -8.41 15.60 -0.62
C TYR B 149 -9.28 16.66 -1.28
N ASP B 150 -9.53 16.47 -2.57
CA ASP B 150 -10.45 17.34 -3.31
C ASP B 150 -11.88 16.88 -3.09
N VAL B 151 -12.08 15.56 -3.03
CA VAL B 151 -13.39 15.00 -2.73
C VAL B 151 -13.23 13.90 -1.69
N ILE B 152 -14.07 13.96 -0.68
CA ILE B 152 -14.18 12.90 0.31
C ILE B 152 -15.57 12.31 0.15
N TRP B 153 -15.61 11.04 -0.24
CA TRP B 153 -16.85 10.35 -0.59
C TRP B 153 -17.20 9.37 0.51
N ILE B 154 -18.38 9.54 1.12
CA ILE B 154 -18.80 8.75 2.28
C ILE B 154 -20.15 8.14 1.94
N GLN B 155 -20.15 6.85 1.61
CA GLN B 155 -21.37 6.23 1.11
C GLN B 155 -21.71 4.93 1.81
N TRP B 156 -22.96 4.83 2.25
CA TRP B 156 -23.50 3.62 2.86
C TRP B 156 -22.65 3.15 4.03
N VAL B 157 -22.29 4.10 4.89
CA VAL B 157 -21.51 3.81 6.09
C VAL B 157 -21.80 4.76 7.27
N ILE B 158 -22.46 5.90 7.05
CA ILE B 158 -22.66 6.82 8.19
C ILE B 158 -23.52 6.21 9.30
N GLY B 159 -24.38 5.26 8.96
CA GLY B 159 -25.20 4.59 9.95
C GLY B 159 -24.39 3.71 10.90
N HIS B 160 -23.13 3.46 10.57
CA HIS B 160 -22.26 2.69 11.47
C HIS B 160 -21.56 3.54 12.52
N LEU B 161 -21.72 4.85 12.48
CA LEU B 161 -21.13 5.72 13.51
CA LEU B 161 -21.13 5.73 13.49
C LEU B 161 -22.20 6.29 14.41
N THR B 162 -21.87 6.44 15.69
CA THR B 162 -22.75 7.17 16.60
C THR B 162 -22.80 8.63 16.17
N ASP B 163 -23.76 9.38 16.71
CA ASP B 163 -23.88 10.80 16.37
C ASP B 163 -22.60 11.58 16.72
N GLN B 164 -22.04 11.37 17.91
CA GLN B 164 -20.84 12.10 18.30
C GLN B 164 -19.67 11.75 17.40
N HIS B 165 -19.51 10.46 17.09
CA HIS B 165 -18.43 10.06 16.19
C HIS B 165 -18.61 10.58 14.78
N LEU B 166 -19.85 10.61 14.30
CA LEU B 166 -20.11 11.11 12.96
C LEU B 166 -19.80 12.59 12.87
N ALA B 167 -20.25 13.37 13.86
CA ALA B 167 -19.97 14.79 13.88
C ALA B 167 -18.46 15.05 13.90
N GLU B 168 -17.75 14.35 14.76
CA GLU B 168 -16.30 14.54 14.86
C GLU B 168 -15.59 14.09 13.60
N PHE B 169 -16.02 12.97 13.02
CA PHE B 169 -15.40 12.48 11.80
C PHE B 169 -15.56 13.51 10.67
N LEU B 170 -16.77 14.05 10.52
CA LEU B 170 -17.00 15.03 9.49
C LEU B 170 -16.17 16.29 9.70
N ARG B 171 -15.97 16.67 10.96
CA ARG B 171 -15.11 17.80 11.32
CA ARG B 171 -15.11 17.82 11.25
C ARG B 171 -13.66 17.52 10.87
N ARG B 172 -13.19 16.31 11.14
CA ARG B 172 -11.83 15.96 10.73
C ARG B 172 -11.71 15.94 9.20
N CYS B 173 -12.75 15.44 8.53
CA CYS B 173 -12.77 15.46 7.07
C CYS B 173 -12.67 16.89 6.52
N LYS B 174 -13.42 17.81 7.12
CA LYS B 174 -13.40 19.21 6.68
C LYS B 174 -11.97 19.74 6.73
N GLY B 175 -11.24 19.35 7.78
CA GLY B 175 -9.86 19.76 7.96
C GLY B 175 -8.87 19.14 6.98
N SER B 176 -9.32 18.17 6.19
CA SER B 176 -8.44 17.48 5.24
C SER B 176 -8.72 17.90 3.79
N LEU B 177 -9.69 18.77 3.59
CA LEU B 177 -10.03 19.22 2.25
C LEU B 177 -9.02 20.22 1.68
N ARG B 178 -8.68 20.03 0.41
CA ARG B 178 -7.96 21.02 -0.37
C ARG B 178 -8.87 22.21 -0.65
N PRO B 179 -8.30 23.32 -1.14
CA PRO B 179 -9.14 24.46 -1.52
C PRO B 179 -10.24 24.05 -2.52
N ASN B 180 -11.45 24.52 -2.25
CA ASN B 180 -12.65 24.17 -3.03
C ASN B 180 -13.05 22.70 -2.94
N GLY B 181 -12.44 21.95 -2.04
CA GLY B 181 -12.79 20.56 -1.86
C GLY B 181 -14.19 20.41 -1.29
N ILE B 182 -14.78 19.23 -1.49
CA ILE B 182 -16.10 18.93 -0.97
C ILE B 182 -16.14 17.54 -0.34
N ILE B 183 -17.10 17.38 0.55
CA ILE B 183 -17.44 16.08 1.12
C ILE B 183 -18.79 15.72 0.54
N VAL B 184 -18.94 14.47 0.11
CA VAL B 184 -20.24 13.96 -0.29
C VAL B 184 -20.65 12.81 0.63
N ILE B 185 -21.85 12.92 1.20
CA ILE B 185 -22.48 11.81 1.91
C ILE B 185 -23.58 11.27 1.02
N LYS B 186 -23.57 9.96 0.79
CA LYS B 186 -24.66 9.33 0.05
C LYS B 186 -25.11 8.13 0.88
N ASP B 187 -26.36 8.12 1.33
CA ASP B 187 -26.76 7.08 2.28
C ASP B 187 -28.26 6.93 2.39
N ASN B 188 -28.65 5.88 3.10
CA ASN B 188 -30.04 5.63 3.42
C ASN B 188 -30.55 6.68 4.39
N MET B 189 -31.79 7.11 4.18
CA MET B 189 -32.45 8.06 5.05
C MET B 189 -33.78 7.48 5.48
N ALA B 190 -34.07 7.55 6.77
CA ALA B 190 -35.35 7.15 7.32
C ALA B 190 -36.37 8.26 7.06
N GLN B 191 -37.64 7.88 6.92
CA GLN B 191 -38.69 8.88 6.79
C GLN B 191 -38.78 9.70 8.07
N GLU B 192 -38.65 9.03 9.22
CA GLU B 192 -38.77 9.71 10.51
C GLU B 192 -37.96 8.98 11.59
N GLY B 193 -37.20 9.74 12.36
CA GLY B 193 -36.53 9.22 13.53
C GLY B 193 -35.17 8.60 13.26
N VAL B 194 -34.79 7.70 14.15
CA VAL B 194 -33.53 6.96 14.08
C VAL B 194 -33.86 5.50 14.34
N ILE B 195 -33.53 4.66 13.36
CA ILE B 195 -33.95 3.26 13.35
C ILE B 195 -32.74 2.34 13.45
N LEU B 196 -32.71 1.51 14.48
CA LEU B 196 -31.63 0.55 14.66
C LEU B 196 -31.85 -0.70 13.81
N ASP B 197 -30.83 -1.10 13.08
CA ASP B 197 -30.79 -2.40 12.42
C ASP B 197 -29.93 -3.28 13.31
N ASP B 198 -30.55 -4.19 14.05
CA ASP B 198 -29.80 -5.01 15.01
C ASP B 198 -29.31 -6.30 14.38
N VAL B 199 -29.27 -6.35 13.05
CA VAL B 199 -28.59 -7.43 12.33
C VAL B 199 -27.19 -6.98 11.93
N ASP B 200 -27.09 -5.88 11.18
CA ASP B 200 -25.77 -5.37 10.80
C ASP B 200 -25.21 -4.36 11.81
N SER B 201 -26.02 -3.99 12.79
CA SER B 201 -25.61 -3.06 13.85
C SER B 201 -25.29 -1.68 13.29
N SER B 202 -26.33 -1.04 12.76
CA SER B 202 -26.23 0.28 12.18
C SER B 202 -27.52 1.00 12.46
N VAL B 203 -27.54 2.31 12.24
CA VAL B 203 -28.76 3.08 12.34
C VAL B 203 -29.06 3.74 11.02
N CYS B 204 -30.34 4.02 10.81
CA CYS B 204 -30.79 4.84 9.70
C CYS B 204 -31.49 6.07 10.29
N ARG B 205 -31.03 7.25 9.88
CA ARG B 205 -31.50 8.52 10.43
C ARG B 205 -32.35 9.28 9.43
N ASP B 206 -33.31 10.07 9.91
CA ASP B 206 -34.06 10.94 9.01
C ASP B 206 -33.23 12.16 8.60
N LEU B 207 -33.76 12.95 7.66
CA LEU B 207 -33.03 14.07 7.11
C LEU B 207 -32.70 15.13 8.17
N ASP B 208 -33.61 15.37 9.11
CA ASP B 208 -33.37 16.40 10.10
C ASP B 208 -32.19 16.06 11.00
N VAL B 209 -32.11 14.81 11.44
CA VAL B 209 -31.01 14.36 12.27
C VAL B 209 -29.70 14.54 11.51
N VAL B 210 -29.66 14.06 10.27
CA VAL B 210 -28.44 14.16 9.47
C VAL B 210 -28.03 15.61 9.26
N ARG B 211 -28.99 16.48 8.94
CA ARG B 211 -28.67 17.88 8.74
C ARG B 211 -28.10 18.54 10.00
N ARG B 212 -28.65 18.18 11.17
CA ARG B 212 -28.13 18.73 12.42
C ARG B 212 -26.69 18.30 12.65
N ILE B 213 -26.37 17.05 12.33
CA ILE B 213 -25.01 16.56 12.54
C ILE B 213 -24.05 17.24 11.58
N ILE B 214 -24.45 17.37 10.32
CA ILE B 214 -23.65 18.08 9.33
C ILE B 214 -23.36 19.50 9.80
N CYS B 215 -24.39 20.19 10.28
CA CYS B 215 -24.23 21.55 10.79
C CYS B 215 -23.22 21.59 11.94
N SER B 216 -23.35 20.64 12.86
CA SER B 216 -22.48 20.60 14.03
CA SER B 216 -22.48 20.62 14.04
C SER B 216 -21.01 20.50 13.65
N ALA B 217 -20.75 19.81 12.54
CA ALA B 217 -19.39 19.61 12.06
C ALA B 217 -18.82 20.84 11.37
N GLY B 218 -19.61 21.91 11.30
CA GLY B 218 -19.17 23.14 10.67
C GLY B 218 -19.26 23.11 9.15
N LEU B 219 -20.09 22.20 8.63
CA LEU B 219 -20.28 22.05 7.20
C LEU B 219 -21.61 22.65 6.76
N SER B 220 -21.67 23.05 5.50
CA SER B 220 -22.87 23.62 4.91
C SER B 220 -23.26 22.85 3.67
N LEU B 221 -24.55 22.85 3.38
CA LEU B 221 -25.08 22.10 2.25
C LEU B 221 -24.91 22.87 0.95
N LEU B 222 -24.23 22.24 0.00
CA LEU B 222 -24.06 22.79 -1.34
C LEU B 222 -25.16 22.29 -2.26
N ALA B 223 -25.50 21.01 -2.14
CA ALA B 223 -26.53 20.40 -2.97
C ALA B 223 -27.04 19.14 -2.31
N GLU B 224 -28.29 18.82 -2.57
CA GLU B 224 -28.94 17.63 -2.02
C GLU B 224 -29.78 17.04 -3.14
N GLU B 225 -29.77 15.71 -3.26
CA GLU B 225 -30.48 15.04 -4.33
C GLU B 225 -30.93 13.65 -3.90
N ARG B 226 -32.20 13.35 -4.10
CA ARG B 226 -32.71 12.02 -3.87
C ARG B 226 -32.36 11.10 -5.04
N GLN B 227 -31.89 9.89 -4.72
CA GLN B 227 -31.56 8.90 -5.73
C GLN B 227 -32.83 8.33 -6.35
N GLU B 228 -32.91 8.39 -7.68
CA GLU B 228 -34.05 7.89 -8.41
C GLU B 228 -33.85 6.45 -8.87
N ASN B 229 -34.94 5.82 -9.29
CA ASN B 229 -34.92 4.53 -9.97
C ASN B 229 -34.45 3.36 -9.11
N LEU B 230 -34.65 3.48 -7.81
CA LEU B 230 -34.35 2.40 -6.88
C LEU B 230 -35.57 1.52 -6.68
N PRO B 231 -35.35 0.26 -6.26
CA PRO B 231 -36.48 -0.58 -5.90
C PRO B 231 -37.38 0.08 -4.85
N ASP B 232 -38.69 -0.07 -4.99
CA ASP B 232 -39.65 0.62 -4.13
C ASP B 232 -39.52 0.26 -2.65
N GLU B 233 -39.05 -0.94 -2.34
CA GLU B 233 -39.11 -1.45 -0.98
C GLU B 233 -37.98 -0.97 -0.07
N ILE B 234 -36.94 -0.37 -0.64
CA ILE B 234 -35.78 0.01 0.16
C ILE B 234 -35.87 1.44 0.71
N TYR B 235 -35.05 1.74 1.70
CA TYR B 235 -34.96 3.11 2.21
C TYR B 235 -34.59 4.05 1.08
N HIS B 236 -35.12 5.25 1.14
CA HIS B 236 -34.74 6.28 0.20
C HIS B 236 -33.27 6.61 0.43
N VAL B 237 -32.61 7.02 -0.64
CA VAL B 237 -31.19 7.32 -0.61
C VAL B 237 -31.01 8.76 -1.05
N TYR B 238 -30.21 9.51 -0.30
CA TYR B 238 -29.92 10.91 -0.63
C TYR B 238 -28.43 11.14 -0.71
N SER B 239 -28.06 12.07 -1.59
CA SER B 239 -26.69 12.58 -1.71
C SER B 239 -26.66 14.01 -1.18
N PHE B 240 -25.64 14.33 -0.40
CA PHE B 240 -25.40 15.68 0.11
C PHE B 240 -23.98 16.07 -0.23
N ALA B 241 -23.82 17.19 -0.94
CA ALA B 241 -22.51 17.78 -1.16
C ALA B 241 -22.31 18.90 -0.15
N LEU B 242 -21.14 18.90 0.48
CA LEU B 242 -20.88 19.72 1.66
C LEU B 242 -19.51 20.37 1.59
N ARG B 243 -19.36 21.55 2.19
CA ARG B 243 -18.03 22.04 2.53
C ARG B 243 -18.10 23.00 3.70
N PRO C 2 24.63 -16.73 -2.60
CA PRO C 2 24.10 -18.06 -2.30
C PRO C 2 24.81 -18.65 -1.10
N ARG C 3 24.09 -19.39 -0.27
CA ARG C 3 24.65 -19.97 0.93
C ARG C 3 24.09 -21.37 1.18
N ARG C 4 24.97 -22.29 1.55
CA ARG C 4 24.53 -23.62 1.97
CA ARG C 4 24.52 -23.61 1.96
C ARG C 4 23.54 -23.49 3.13
N ARG C 5 22.45 -24.25 3.07
CA ARG C 5 21.50 -24.21 4.16
C ARG C 5 22.19 -24.68 5.43
N SER C 6 21.89 -24.04 6.54
CA SER C 6 22.58 -24.31 7.81
C SER C 6 22.30 -25.73 8.31
N PRO D 2 -28.11 -0.67 0.17
CA PRO D 2 -29.57 -0.70 0.07
C PRO D 2 -30.17 -1.64 1.12
N ARG D 3 -31.25 -1.21 1.76
CA ARG D 3 -31.89 -2.02 2.78
C ARG D 3 -33.40 -1.92 2.67
N ARG D 4 -34.09 -3.06 2.74
CA ARG D 4 -35.54 -3.08 2.81
C ARG D 4 -36.02 -2.31 4.04
N ARG D 5 -36.99 -1.44 3.86
CA ARG D 5 -37.58 -0.73 5.00
C ARG D 5 -38.34 -1.69 5.91
N SER D 6 -38.27 -1.45 7.21
CA SER D 6 -39.08 -2.19 8.18
C SER D 6 -40.34 -1.40 8.54
N ARG D 7 -41.34 -2.07 9.09
CA ARG D 7 -42.55 -1.40 9.56
C ARG D 7 -42.20 -0.41 10.68
#